data_6LFW
#
_entry.id   6LFW
#
_cell.length_a   92.210
_cell.length_b   92.210
_cell.length_c   51.550
_cell.angle_alpha   90.000
_cell.angle_beta   90.000
_cell.angle_gamma   90.000
#
_symmetry.space_group_name_H-M   'I 4'
#
loop_
_entity.id
_entity.type
_entity.pdbx_description
1 polymer PCB4scFv(hN56D)
2 non-polymer 1,2,3-tris(chloranyl)-5-(3-chloranyl-4-methoxy-phenyl)benzene
3 non-polymer 'SODIUM ION'
4 water water
#
_entity_poly.entity_id   1
_entity_poly.type   'polypeptide(L)'
_entity_poly.pdbx_seq_one_letter_code
;MDIQMTQTASSLSASLGDRVTISCRASQYINNYLNWYQQKPDGTVTLLIYYTSILHSGVPSRFIGSGSGTDYSLTISNLD
QEDIATYFCQQGYTLPLTFGAGTKLELKRPGGGGSGGGGSGGGGSVDEVKLVESGGGLVKPGGSLKLSCAASGFTFSTYG
MSWVRQTPEKRLEWVASISGGGDTYYTDIVKGRVTISRDNDRNILYLQMSSLRSEDTAMYHCTRGALVRLPHYYSMDYWG
QGTSVTVSSLVPR
;
_entity_poly.pdbx_strand_id   A
#
loop_
_chem_comp.id
_chem_comp.type
_chem_comp.name
_chem_comp.formula
NA non-polymer 'SODIUM ION' 'Na 1'
OMF non-polymer 1,2,3-tris(chloranyl)-5-(3-chloranyl-4-methoxy-phenyl)benzene 'C13 H8 Cl4 O'
#
# COMPACT_ATOMS: atom_id res chain seq x y z
N MET A 1 16.27 13.03 -0.93
CA MET A 1 14.99 13.54 -0.47
C MET A 1 13.85 12.62 -0.90
N ASP A 2 12.71 12.75 -0.24
CA ASP A 2 11.59 11.86 -0.50
C ASP A 2 11.06 12.06 -1.92
N ILE A 3 10.67 10.97 -2.56
CA ILE A 3 10.06 11.05 -3.89
C ILE A 3 8.56 11.24 -3.71
N GLN A 4 8.04 12.36 -4.19
CA GLN A 4 6.62 12.63 -4.10
C GLN A 4 5.92 12.04 -5.32
N MET A 5 4.85 11.29 -5.08
CA MET A 5 4.03 10.71 -6.14
C MET A 5 2.74 11.51 -6.23
N THR A 6 2.44 12.03 -7.41
CA THR A 6 1.30 12.91 -7.61
C THR A 6 0.30 12.26 -8.56
N GLN A 7 -0.93 12.10 -8.09
CA GLN A 7 -2.06 11.69 -8.93
C GLN A 7 -2.94 12.93 -9.06
N THR A 8 -2.86 13.64 -10.20
CA THR A 8 -3.52 14.94 -10.29
C THR A 8 -5.03 14.83 -10.15
N ALA A 9 -5.64 13.76 -10.65
CA ALA A 9 -7.08 13.59 -10.53
C ALA A 9 -7.41 12.86 -9.23
N SER A 10 -8.32 13.42 -8.45
CA SER A 10 -8.80 12.70 -7.28
C SER A 10 -9.95 11.78 -7.60
N SER A 11 -10.74 12.07 -8.64
CA SER A 11 -11.75 11.13 -9.07
C SER A 11 -12.03 11.36 -10.54
N LEU A 12 -12.39 10.28 -11.24
CA LEU A 12 -12.82 10.37 -12.63
C LEU A 12 -14.21 9.75 -12.73
N SER A 13 -15.09 10.40 -13.48
N SER A 13 -15.11 10.44 -13.42
CA SER A 13 -16.49 9.98 -13.66
CA SER A 13 -16.45 9.94 -13.66
C SER A 13 -16.67 9.36 -15.04
C SER A 13 -16.48 9.27 -15.02
N ALA A 14 -17.14 8.12 -15.10
CA ALA A 14 -17.15 7.37 -16.33
C ALA A 14 -18.39 6.49 -16.41
N SER A 15 -18.60 5.91 -17.59
CA SER A 15 -19.71 5.01 -17.85
C SER A 15 -19.20 3.60 -18.10
N LEU A 16 -20.08 2.62 -17.92
CA LEU A 16 -19.71 1.24 -18.26
C LEU A 16 -19.23 1.18 -19.70
N GLY A 17 -18.16 0.42 -19.91
CA GLY A 17 -17.60 0.27 -21.23
C GLY A 17 -16.60 1.34 -21.61
N ASP A 18 -16.49 2.41 -20.81
CA ASP A 18 -15.58 3.51 -21.13
C ASP A 18 -14.14 3.08 -20.92
N ARG A 19 -13.24 3.90 -21.44
CA ARG A 19 -11.82 3.78 -21.19
C ARG A 19 -11.40 4.99 -20.37
N VAL A 20 -10.67 4.76 -19.28
N VAL A 20 -10.59 4.76 -19.34
CA VAL A 20 -10.20 5.84 -18.43
CA VAL A 20 -10.22 5.79 -18.38
C VAL A 20 -8.70 5.70 -18.23
C VAL A 20 -8.71 5.69 -18.13
N THR A 21 -8.03 6.83 -18.13
CA THR A 21 -6.59 6.88 -17.89
C THR A 21 -6.28 7.68 -16.63
N ILE A 22 -5.55 7.05 -15.71
CA ILE A 22 -5.19 7.65 -14.43
C ILE A 22 -3.71 8.00 -14.47
N SER A 23 -3.39 9.28 -14.29
CA SER A 23 -2.00 9.72 -14.33
CA SER A 23 -2.01 9.74 -14.32
CA SER A 23 -2.02 9.77 -14.32
C SER A 23 -1.34 9.60 -12.96
N CYS A 24 -0.03 9.35 -12.99
CA CYS A 24 0.80 9.29 -11.79
C CYS A 24 2.15 9.87 -12.14
N ARG A 25 2.59 10.90 -11.45
CA ARG A 25 3.86 11.55 -11.72
CA ARG A 25 3.87 11.52 -11.73
C ARG A 25 4.78 11.37 -10.52
N ALA A 26 6.05 11.05 -10.77
CA ALA A 26 7.06 10.98 -9.72
C ALA A 26 7.88 12.27 -9.73
N SER A 27 8.28 12.73 -8.54
CA SER A 27 9.08 13.96 -8.46
C SER A 27 10.51 13.75 -8.93
N GLN A 28 10.97 12.50 -9.04
CA GLN A 28 12.25 12.24 -9.67
C GLN A 28 12.21 10.87 -10.30
N TYR A 29 13.29 10.53 -10.99
CA TYR A 29 13.41 9.27 -11.70
C TYR A 29 13.24 8.10 -10.74
N ILE A 30 12.48 7.09 -11.18
CA ILE A 30 12.25 5.90 -10.36
C ILE A 30 12.55 4.61 -11.10
N ASN A 31 13.20 4.70 -12.27
CA ASN A 31 13.69 3.51 -12.97
C ASN A 31 12.56 2.54 -13.33
N ASN A 32 11.35 3.05 -13.54
CA ASN A 32 10.20 2.22 -13.89
C ASN A 32 9.76 1.32 -12.74
N TYR A 33 10.25 1.56 -11.52
CA TYR A 33 9.88 0.77 -10.35
C TYR A 33 8.58 1.33 -9.76
N LEU A 34 7.50 1.14 -10.51
CA LEU A 34 6.20 1.72 -10.19
CA LEU A 34 6.20 1.71 -10.16
C LEU A 34 5.18 0.59 -10.05
N ASN A 35 4.45 0.58 -8.93
CA ASN A 35 3.39 -0.37 -8.67
C ASN A 35 2.05 0.34 -8.65
N TRP A 36 0.99 -0.38 -9.03
CA TRP A 36 -0.38 0.14 -8.92
C TRP A 36 -1.19 -0.80 -8.04
N TYR A 37 -2.01 -0.20 -7.18
CA TYR A 37 -2.91 -0.91 -6.27
C TYR A 37 -4.34 -0.49 -6.53
N GLN A 38 -5.26 -1.42 -6.31
CA GLN A 38 -6.70 -1.19 -6.40
C GLN A 38 -7.31 -1.36 -5.02
N GLN A 39 -8.05 -0.35 -4.55
CA GLN A 39 -8.79 -0.46 -3.30
C GLN A 39 -10.27 -0.41 -3.59
N LYS A 40 -10.96 -1.53 -3.34
CA LYS A 40 -12.39 -1.61 -3.60
C LYS A 40 -13.16 -0.77 -2.58
N PRO A 41 -14.44 -0.48 -2.84
CA PRO A 41 -15.23 0.24 -1.84
C PRO A 41 -15.23 -0.38 -0.46
N ASP A 42 -15.16 -1.71 -0.37
CA ASP A 42 -15.13 -2.34 0.95
C ASP A 42 -13.78 -2.24 1.63
N GLY A 43 -12.81 -1.55 1.01
CA GLY A 43 -11.52 -1.29 1.61
C GLY A 43 -10.43 -2.25 1.20
N THR A 44 -10.78 -3.38 0.57
N THR A 44 -10.78 -3.38 0.56
CA THR A 44 -9.77 -4.38 0.25
CA THR A 44 -9.79 -4.38 0.19
C THR A 44 -8.80 -3.87 -0.81
C THR A 44 -8.80 -3.81 -0.80
N VAL A 45 -7.51 -4.02 -0.52
CA VAL A 45 -6.44 -3.56 -1.38
C VAL A 45 -5.83 -4.78 -2.06
N THR A 46 -5.60 -4.68 -3.37
CA THR A 46 -4.86 -5.69 -4.09
C THR A 46 -3.83 -5.04 -4.99
N LEU A 47 -2.78 -5.80 -5.26
CA LEU A 47 -1.81 -5.42 -6.28
C LEU A 47 -2.44 -5.59 -7.66
N LEU A 48 -2.26 -4.59 -8.50
N LEU A 48 -2.32 -4.58 -8.50
CA LEU A 48 -2.80 -4.58 -9.86
CA LEU A 48 -2.76 -4.66 -9.89
C LEU A 48 -1.72 -4.72 -10.92
C LEU A 48 -1.59 -4.85 -10.83
N ILE A 49 -0.67 -3.90 -10.84
CA ILE A 49 0.43 -3.87 -11.81
C ILE A 49 1.71 -3.62 -11.04
N TYR A 50 2.80 -4.24 -11.48
CA TYR A 50 4.12 -3.94 -10.92
C TYR A 50 5.10 -3.76 -12.05
N TYR A 51 6.24 -3.14 -11.72
CA TYR A 51 7.28 -2.84 -12.71
C TYR A 51 6.69 -2.12 -13.92
N THR A 52 5.86 -1.11 -13.63
CA THR A 52 5.21 -0.24 -14.61
C THR A 52 4.09 -0.91 -15.40
N SER A 53 4.33 -2.12 -15.91
CA SER A 53 3.44 -2.70 -16.90
CA SER A 53 3.42 -2.70 -16.90
C SER A 53 3.11 -4.17 -16.70
N ILE A 54 3.66 -4.83 -15.69
CA ILE A 54 3.43 -6.28 -15.53
C ILE A 54 2.18 -6.48 -14.69
N LEU A 55 1.20 -7.19 -15.25
CA LEU A 55 -0.04 -7.46 -14.53
C LEU A 55 0.15 -8.49 -13.43
N HIS A 56 -0.44 -8.20 -12.28
CA HIS A 56 -0.48 -9.16 -11.19
C HIS A 56 -1.45 -10.29 -11.51
N SER A 57 -1.26 -11.41 -10.81
CA SER A 57 -2.10 -12.58 -10.94
C SER A 57 -3.58 -12.22 -10.92
N GLY A 58 -4.32 -12.70 -11.94
CA GLY A 58 -5.75 -12.49 -11.99
C GLY A 58 -6.20 -11.24 -12.73
N VAL A 59 -5.31 -10.30 -13.01
CA VAL A 59 -5.74 -9.01 -13.57
C VAL A 59 -5.88 -9.15 -15.09
N PRO A 60 -6.99 -8.73 -15.67
CA PRO A 60 -7.20 -8.89 -17.12
C PRO A 60 -6.47 -7.81 -17.90
N SER A 61 -6.20 -8.12 -19.17
N SER A 61 -6.22 -8.12 -19.18
CA SER A 61 -5.44 -7.21 -20.03
CA SER A 61 -5.47 -7.25 -20.08
C SER A 61 -6.24 -5.98 -20.49
C SER A 61 -6.20 -5.94 -20.38
N ARG A 62 -7.45 -5.80 -19.95
CA ARG A 62 -8.16 -4.52 -20.03
C ARG A 62 -7.39 -3.42 -19.29
N PHE A 63 -6.56 -3.81 -18.32
CA PHE A 63 -5.70 -2.88 -17.60
C PHE A 63 -4.34 -2.83 -18.30
N ILE A 64 -3.84 -1.62 -18.55
N ILE A 64 -3.85 -1.63 -18.56
CA ILE A 64 -2.51 -1.44 -19.14
CA ILE A 64 -2.51 -1.46 -19.11
C ILE A 64 -1.77 -0.37 -18.35
C ILE A 64 -1.79 -0.40 -18.30
N GLY A 65 -0.56 -0.70 -17.91
CA GLY A 65 0.29 0.24 -17.21
C GLY A 65 1.36 0.73 -18.17
N SER A 66 1.61 2.04 -18.11
N SER A 66 1.60 2.04 -18.15
CA SER A 66 2.51 2.69 -19.05
CA SER A 66 2.58 2.61 -19.05
C SER A 66 3.38 3.69 -18.29
C SER A 66 3.33 3.74 -18.34
N GLY A 67 4.44 4.16 -18.94
CA GLY A 67 5.21 5.27 -18.44
C GLY A 67 6.70 5.02 -18.42
N SER A 68 7.44 6.08 -18.11
CA SER A 68 8.90 6.03 -17.93
C SER A 68 9.31 7.40 -17.41
N GLY A 69 10.57 7.50 -16.96
CA GLY A 69 11.06 8.73 -16.39
C GLY A 69 10.27 9.10 -15.16
N THR A 70 9.52 10.20 -15.24
CA THR A 70 8.67 10.61 -14.14
C THR A 70 7.18 10.50 -14.42
N ASP A 71 6.77 10.11 -15.63
CA ASP A 71 5.36 10.21 -16.01
C ASP A 71 4.81 8.82 -16.27
N TYR A 72 3.79 8.43 -15.51
CA TYR A 72 3.25 7.07 -15.58
C TYR A 72 1.73 7.15 -15.69
N SER A 73 1.13 6.05 -16.12
CA SER A 73 -0.32 6.04 -16.21
C SER A 73 -0.85 4.62 -16.14
N LEU A 74 -2.10 4.53 -15.72
CA LEU A 74 -2.88 3.29 -15.72
C LEU A 74 -4.10 3.53 -16.57
N THR A 75 -4.30 2.70 -17.60
CA THR A 75 -5.50 2.81 -18.43
C THR A 75 -6.37 1.58 -18.22
N ILE A 76 -7.66 1.81 -17.98
CA ILE A 76 -8.61 0.73 -17.83
C ILE A 76 -9.61 0.85 -18.96
N SER A 77 -9.69 -0.17 -19.81
N SER A 77 -9.68 -0.18 -19.80
CA SER A 77 -10.65 -0.18 -20.88
CA SER A 77 -10.61 -0.24 -20.91
C SER A 77 -11.82 -1.09 -20.54
C SER A 77 -11.82 -1.10 -20.52
N ASN A 78 -12.91 -0.92 -21.27
CA ASN A 78 -14.14 -1.70 -21.06
C ASN A 78 -14.57 -1.71 -19.60
N LEU A 79 -14.68 -0.52 -19.03
CA LEU A 79 -14.91 -0.35 -17.60
C LEU A 79 -16.09 -1.20 -17.14
N ASP A 80 -15.88 -1.93 -16.06
CA ASP A 80 -16.84 -2.87 -15.49
C ASP A 80 -17.20 -2.41 -14.08
N GLN A 81 -18.33 -2.90 -13.58
CA GLN A 81 -18.76 -2.53 -12.22
CA GLN A 81 -18.76 -2.52 -12.23
C GLN A 81 -17.68 -2.84 -11.20
N GLU A 82 -16.94 -3.92 -11.41
CA GLU A 82 -15.92 -4.33 -10.45
C GLU A 82 -14.72 -3.40 -10.46
N ASP A 83 -14.61 -2.50 -11.44
CA ASP A 83 -13.51 -1.56 -11.51
C ASP A 83 -13.76 -0.28 -10.72
N ILE A 84 -14.97 -0.10 -10.22
CA ILE A 84 -15.29 1.08 -9.41
C ILE A 84 -14.57 0.93 -8.07
N ALA A 85 -13.56 1.75 -7.85
CA ALA A 85 -12.54 1.53 -6.83
C ALA A 85 -11.62 2.74 -6.85
N THR A 86 -10.69 2.79 -5.89
CA THR A 86 -9.67 3.83 -5.86
C THR A 86 -8.33 3.20 -6.23
N TYR A 87 -7.59 3.88 -7.10
CA TYR A 87 -6.33 3.38 -7.63
C TYR A 87 -5.19 4.22 -7.11
N PHE A 88 -4.13 3.56 -6.63
CA PHE A 88 -2.97 4.22 -6.04
C PHE A 88 -1.72 3.75 -6.76
N CYS A 89 -0.86 4.69 -7.13
CA CYS A 89 0.48 4.32 -7.58
C CYS A 89 1.46 4.41 -6.43
N GLN A 90 2.60 3.73 -6.59
CA GLN A 90 3.60 3.64 -5.53
C GLN A 90 4.96 3.42 -6.16
N GLN A 91 5.94 4.23 -5.77
CA GLN A 91 7.29 3.98 -6.24
C GLN A 91 8.04 3.09 -5.26
N GLY A 92 8.80 2.13 -5.81
CA GLY A 92 9.61 1.22 -5.01
C GLY A 92 11.11 1.36 -5.26
N TYR A 93 11.53 2.53 -5.75
CA TYR A 93 12.92 2.76 -6.14
C TYR A 93 13.81 3.07 -4.93
N THR A 94 13.38 3.99 -4.08
CA THR A 94 14.19 4.35 -2.90
C THR A 94 13.28 4.57 -1.70
N LEU A 95 13.84 4.48 -0.53
CA LEU A 95 13.10 4.72 0.69
C LEU A 95 13.03 6.22 0.98
N PRO A 96 11.93 6.70 1.58
CA PRO A 96 10.77 5.90 1.95
C PRO A 96 9.96 5.51 0.73
N LEU A 97 9.36 4.32 0.78
CA LEU A 97 8.37 3.98 -0.22
C LEU A 97 7.24 4.98 -0.13
N THR A 98 6.76 5.47 -1.27
CA THR A 98 5.77 6.55 -1.28
C THR A 98 4.66 6.25 -2.28
N PHE A 99 3.46 6.70 -1.93
CA PHE A 99 2.26 6.43 -2.69
C PHE A 99 1.65 7.73 -3.20
N GLY A 100 0.99 7.67 -4.35
CA GLY A 100 0.10 8.75 -4.74
C GLY A 100 -1.14 8.78 -3.87
N ALA A 101 -1.87 9.91 -3.91
CA ALA A 101 -3.00 10.09 -3.00
C ALA A 101 -4.25 9.37 -3.44
N GLY A 102 -4.25 8.70 -4.59
CA GLY A 102 -5.36 7.90 -5.04
C GLY A 102 -6.26 8.62 -6.02
N THR A 103 -6.81 7.85 -6.96
CA THR A 103 -7.80 8.35 -7.90
C THR A 103 -8.98 7.41 -7.86
N LYS A 104 -10.14 7.94 -7.45
CA LYS A 104 -11.37 7.16 -7.40
CA LYS A 104 -11.38 7.15 -7.40
C LYS A 104 -12.01 7.10 -8.78
N LEU A 105 -12.53 5.94 -9.15
CA LEU A 105 -13.37 5.86 -10.34
C LEU A 105 -14.82 5.77 -9.90
N GLU A 106 -15.65 6.64 -10.45
CA GLU A 106 -17.07 6.73 -10.10
C GLU A 106 -17.90 6.56 -11.36
N LEU A 107 -19.09 5.95 -11.19
CA LEU A 107 -20.01 5.75 -12.29
C LEU A 107 -20.95 6.94 -12.40
N LYS A 108 -21.18 7.40 -13.63
CA LYS A 108 -22.21 8.41 -13.86
C LYS A 108 -23.58 7.83 -13.55
N ARG A 109 -24.45 8.68 -12.97
CA ARG A 109 -25.75 8.30 -12.42
C ARG A 109 -25.62 7.39 -11.18
N GLU A 128 -5.45 -20.39 0.77
CA GLU A 128 -4.71 -19.36 0.05
C GLU A 128 -3.97 -18.46 1.02
N VAL A 129 -3.40 -17.36 0.52
CA VAL A 129 -2.66 -16.43 1.36
C VAL A 129 -3.63 -15.63 2.22
N LYS A 130 -3.37 -15.58 3.52
CA LYS A 130 -4.19 -14.84 4.46
C LYS A 130 -3.28 -14.02 5.36
N LEU A 131 -3.64 -12.75 5.58
CA LEU A 131 -2.97 -11.88 6.54
C LEU A 131 -4.06 -11.26 7.37
N VAL A 132 -4.01 -11.44 8.70
CA VAL A 132 -5.07 -10.97 9.58
C VAL A 132 -4.44 -10.14 10.70
N GLU A 133 -4.74 -8.85 10.72
CA GLU A 133 -4.18 -7.94 11.70
C GLU A 133 -5.08 -7.87 12.93
N SER A 134 -4.44 -7.60 14.07
CA SER A 134 -5.13 -7.40 15.33
C SER A 134 -4.27 -6.51 16.20
N GLY A 135 -4.83 -6.09 17.34
CA GLY A 135 -4.08 -5.35 18.33
C GLY A 135 -4.30 -3.85 18.33
N GLY A 136 -5.04 -3.32 17.37
CA GLY A 136 -5.32 -1.90 17.37
C GLY A 136 -6.15 -1.51 18.57
N GLY A 137 -6.26 -0.21 18.78
CA GLY A 137 -7.08 0.29 19.87
C GLY A 137 -7.03 1.79 19.93
N LEU A 138 -7.55 2.32 21.03
CA LEU A 138 -7.58 3.76 21.30
C LEU A 138 -6.64 4.06 22.46
N VAL A 139 -5.71 5.00 22.25
CA VAL A 139 -4.80 5.41 23.31
C VAL A 139 -4.62 6.93 23.28
N LYS A 140 -4.08 7.44 24.39
CA LYS A 140 -3.72 8.84 24.49
C LYS A 140 -2.33 9.06 23.87
N PRO A 141 -2.02 10.29 23.47
CA PRO A 141 -0.65 10.58 23.01
C PRO A 141 0.37 10.15 24.05
N GLY A 142 1.42 9.47 23.58
CA GLY A 142 2.41 8.89 24.46
C GLY A 142 2.15 7.46 24.84
N GLY A 143 0.98 6.91 24.50
CA GLY A 143 0.64 5.55 24.81
C GLY A 143 1.30 4.54 23.88
N SER A 144 0.95 3.27 24.09
N SER A 144 0.96 3.27 24.11
CA SER A 144 1.59 2.19 23.37
CA SER A 144 1.58 2.15 23.42
C SER A 144 0.59 1.11 23.00
C SER A 144 0.52 1.16 22.94
N LEU A 145 0.86 0.44 21.88
CA LEU A 145 0.04 -0.65 21.37
C LEU A 145 0.98 -1.63 20.69
N LYS A 146 0.63 -2.91 20.67
CA LYS A 146 1.35 -3.90 19.87
CA LYS A 146 1.35 -3.91 19.88
C LYS A 146 0.41 -4.47 18.82
N LEU A 147 0.72 -4.22 17.55
CA LEU A 147 -0.06 -4.81 16.47
C LEU A 147 0.53 -6.15 16.08
N SER A 148 -0.35 -7.06 15.69
CA SER A 148 0.04 -8.39 15.23
CA SER A 148 0.06 -8.37 15.21
C SER A 148 -0.60 -8.65 13.88
N CYS A 149 0.05 -9.50 13.08
N CYS A 149 0.08 -9.44 13.06
CA CYS A 149 -0.43 -9.85 11.75
CA CYS A 149 -0.42 -9.86 11.76
C CYS A 149 -0.16 -11.34 11.55
C CYS A 149 -0.15 -11.36 11.67
N ALA A 150 -1.21 -12.15 11.65
CA ALA A 150 -1.08 -13.59 11.55
C ALA A 150 -1.08 -13.98 10.08
N ALA A 151 -0.03 -14.66 9.62
CA ALA A 151 0.13 -15.00 8.21
C ALA A 151 -0.10 -16.50 8.05
N SER A 152 -0.73 -16.87 6.93
CA SER A 152 -0.88 -18.28 6.61
C SER A 152 -0.98 -18.43 5.11
N GLY A 153 -0.71 -19.65 4.64
CA GLY A 153 -0.86 -19.94 3.23
C GLY A 153 0.38 -19.74 2.39
N PHE A 154 1.52 -19.47 3.00
CA PHE A 154 2.78 -19.30 2.26
C PHE A 154 3.93 -19.53 3.24
N THR A 155 5.14 -19.69 2.70
CA THR A 155 6.32 -19.87 3.54
C THR A 155 6.75 -18.50 4.06
N PHE A 156 6.21 -18.18 5.24
CA PHE A 156 6.36 -16.84 5.81
C PHE A 156 7.82 -16.40 5.93
N SER A 157 8.70 -17.30 6.36
CA SER A 157 10.09 -16.92 6.63
C SER A 157 10.83 -16.46 5.39
N THR A 158 10.36 -16.81 4.19
CA THR A 158 11.09 -16.40 2.99
C THR A 158 10.73 -15.01 2.51
N TYR A 159 9.65 -14.41 2.99
CA TYR A 159 9.12 -13.18 2.44
C TYR A 159 9.39 -11.97 3.32
N GLY A 160 9.76 -10.87 2.66
CA GLY A 160 9.65 -9.57 3.29
C GLY A 160 8.21 -9.26 3.64
N MET A 161 8.02 -8.49 4.71
CA MET A 161 6.69 -8.10 5.17
C MET A 161 6.73 -6.63 5.57
N SER A 162 5.58 -5.95 5.46
CA SER A 162 5.54 -4.53 5.76
C SER A 162 4.28 -4.16 6.52
N TRP A 163 4.32 -2.97 7.11
CA TRP A 163 3.13 -2.28 7.59
C TRP A 163 2.93 -1.02 6.75
N VAL A 164 1.70 -0.84 6.26
CA VAL A 164 1.29 0.36 5.53
C VAL A 164 0.02 0.85 6.19
N ARG A 165 -0.03 2.13 6.50
CA ARG A 165 -1.20 2.68 7.17
C ARG A 165 -2.00 3.56 6.21
N GLN A 166 -3.33 3.55 6.39
CA GLN A 166 -4.20 4.45 5.63
C GLN A 166 -4.77 5.49 6.59
N THR A 167 -4.50 6.75 6.31
CA THR A 167 -4.86 7.82 7.22
C THR A 167 -6.33 8.14 7.09
N PRO A 168 -6.88 8.95 8.00
CA PRO A 168 -8.31 9.33 7.86
C PRO A 168 -8.59 10.09 6.59
N GLU A 169 -7.58 10.71 5.99
CA GLU A 169 -7.72 11.39 4.71
C GLU A 169 -7.57 10.43 3.53
N LYS A 170 -7.42 9.14 3.79
CA LYS A 170 -7.36 8.05 2.83
C LYS A 170 -6.03 7.94 2.13
N ARG A 171 -4.99 8.60 2.63
CA ARG A 171 -3.67 8.40 2.05
C ARG A 171 -3.05 7.11 2.56
N LEU A 172 -2.20 6.51 1.75
CA LEU A 172 -1.43 5.34 2.13
C LEU A 172 -0.01 5.79 2.47
N GLU A 173 0.47 5.40 3.65
CA GLU A 173 1.81 5.76 4.08
C GLU A 173 2.54 4.48 4.49
N TRP A 174 3.66 4.20 3.85
CA TRP A 174 4.50 3.09 4.28
C TRP A 174 5.08 3.40 5.68
N VAL A 175 4.99 2.42 6.57
CA VAL A 175 5.48 2.59 7.94
C VAL A 175 6.82 1.90 8.13
N ALA A 176 6.89 0.60 7.81
CA ALA A 176 8.11 -0.16 8.09
C ALA A 176 8.07 -1.45 7.30
N SER A 177 9.26 -2.01 7.04
CA SER A 177 9.39 -3.31 6.41
C SER A 177 10.44 -4.14 7.13
N ILE A 178 10.31 -5.46 7.02
CA ILE A 178 11.28 -6.38 7.62
C ILE A 178 11.54 -7.53 6.63
N SER A 179 12.82 -7.82 6.40
CA SER A 179 13.14 -8.93 5.51
C SER A 179 12.88 -10.26 6.21
N GLY A 180 12.87 -11.34 5.41
CA GLY A 180 12.68 -12.66 6.00
C GLY A 180 13.66 -12.94 7.12
N GLY A 181 14.92 -12.54 6.95
CA GLY A 181 15.95 -12.73 7.95
C GLY A 181 16.00 -11.70 9.05
N GLY A 182 15.15 -10.66 9.00
CA GLY A 182 15.03 -9.76 10.11
C GLY A 182 15.65 -8.39 9.96
N ASP A 183 16.15 -8.00 8.78
CA ASP A 183 16.61 -6.63 8.57
C ASP A 183 15.40 -5.71 8.57
N THR A 184 15.56 -4.50 9.13
CA THR A 184 14.41 -3.60 9.29
C THR A 184 14.64 -2.24 8.65
N TYR A 185 13.54 -1.65 8.21
CA TYR A 185 13.51 -0.38 7.49
C TYR A 185 12.29 0.38 7.97
N TYR A 186 12.42 1.70 8.19
CA TYR A 186 11.31 2.50 8.70
C TYR A 186 11.23 3.82 7.94
N THR A 187 10.02 4.35 7.84
CA THR A 187 9.87 5.74 7.42
C THR A 187 10.36 6.67 8.54
N ASP A 188 10.99 7.78 8.15
CA ASP A 188 11.65 8.64 9.13
CA ASP A 188 11.65 8.65 9.13
C ASP A 188 10.71 9.08 10.25
N ILE A 189 9.45 9.41 9.92
CA ILE A 189 8.58 9.98 10.94
C ILE A 189 8.19 9.01 12.04
N VAL A 190 8.43 7.71 11.87
CA VAL A 190 8.17 6.75 12.94
C VAL A 190 9.44 6.22 13.59
N LYS A 191 10.62 6.56 13.05
CA LYS A 191 11.88 5.99 13.57
C LYS A 191 12.04 6.29 15.06
N GLY A 192 12.43 5.26 15.81
CA GLY A 192 12.63 5.38 17.23
C GLY A 192 11.35 5.41 18.02
N ARG A 193 10.19 5.27 17.37
CA ARG A 193 8.92 5.23 18.06
C ARG A 193 8.15 3.93 17.87
N VAL A 194 8.46 3.18 16.81
CA VAL A 194 7.85 1.89 16.56
C VAL A 194 8.96 0.90 16.24
N THR A 195 8.68 -0.38 16.47
CA THR A 195 9.64 -1.44 16.17
C THR A 195 8.91 -2.56 15.44
N ILE A 196 9.38 -2.89 14.25
CA ILE A 196 8.83 -4.02 13.48
C ILE A 196 9.63 -5.25 13.85
N SER A 197 8.96 -6.40 13.98
CA SER A 197 9.65 -7.64 14.28
C SER A 197 8.79 -8.77 13.75
N ARG A 198 9.32 -10.00 13.80
CA ARG A 198 8.59 -11.12 13.27
C ARG A 198 8.97 -12.39 14.01
N ASP A 199 8.05 -13.35 14.00
CA ASP A 199 8.25 -14.67 14.58
C ASP A 199 8.06 -15.64 13.43
N ASN A 200 9.17 -16.20 12.94
CA ASN A 200 9.11 -17.08 11.78
C ASN A 200 8.67 -18.50 12.12
N ASP A 201 8.55 -18.83 13.40
CA ASP A 201 8.00 -20.13 13.76
C ASP A 201 6.49 -20.06 13.89
N ARG A 202 5.97 -18.97 14.46
CA ARG A 202 4.54 -18.81 14.59
C ARG A 202 3.91 -18.10 13.41
N ASN A 203 4.73 -17.58 12.49
CA ASN A 203 4.25 -16.91 11.29
C ASN A 203 3.44 -15.66 11.63
N ILE A 204 4.05 -14.79 12.45
CA ILE A 204 3.39 -13.58 12.90
C ILE A 204 4.34 -12.40 12.68
N LEU A 205 3.80 -11.31 12.15
CA LEU A 205 4.50 -10.04 12.03
C LEU A 205 3.98 -9.10 13.10
N TYR A 206 4.87 -8.32 13.71
CA TYR A 206 4.49 -7.43 14.79
C TYR A 206 4.87 -5.98 14.48
N LEU A 207 4.14 -5.06 15.10
CA LEU A 207 4.56 -3.67 15.18
C LEU A 207 4.34 -3.20 16.63
N GLN A 208 5.43 -3.06 17.38
CA GLN A 208 5.32 -2.47 18.72
C GLN A 208 5.36 -0.95 18.55
N MET A 209 4.35 -0.27 19.07
N MET A 209 4.32 -0.28 19.03
CA MET A 209 4.24 1.18 18.93
CA MET A 209 4.22 1.17 18.91
C MET A 209 4.34 1.80 20.31
C MET A 209 4.37 1.75 20.30
N SER A 210 5.25 2.76 20.48
N SER A 210 5.47 2.45 20.55
CA SER A 210 5.45 3.48 21.73
CA SER A 210 5.90 2.73 21.92
C SER A 210 5.37 4.97 21.44
C SER A 210 5.67 4.15 22.38
N SER A 211 5.10 5.76 22.49
N SER A 211 5.57 5.12 21.47
CA SER A 211 5.10 7.22 22.38
CA SER A 211 5.22 6.50 21.86
C SER A 211 4.25 7.69 21.20
C SER A 211 4.37 7.07 20.73
N LEU A 212 3.07 7.11 21.08
N LEU A 212 3.06 6.98 20.90
CA LEU A 212 2.19 7.37 19.94
CA LEU A 212 2.12 7.30 19.84
C LEU A 212 1.81 8.85 19.86
C LEU A 212 1.77 8.79 19.84
N ARG A 213 1.55 9.31 18.64
CA ARG A 213 1.19 10.69 18.40
C ARG A 213 -0.15 10.72 17.68
N SER A 214 -0.83 11.87 17.75
N SER A 214 -0.83 11.87 17.74
CA SER A 214 -2.16 11.96 17.16
CA SER A 214 -2.17 11.96 17.16
C SER A 214 -2.13 11.64 15.67
C SER A 214 -2.14 11.65 15.67
N GLU A 215 -1.09 12.06 14.96
CA GLU A 215 -0.99 11.82 13.53
C GLU A 215 -0.72 10.36 13.18
N ASP A 216 -0.47 9.50 14.18
CA ASP A 216 -0.40 8.07 13.94
C ASP A 216 -1.78 7.41 13.80
N THR A 217 -2.86 8.15 14.05
CA THR A 217 -4.19 7.59 13.88
C THR A 217 -4.40 7.14 12.44
N ALA A 218 -4.72 5.86 12.26
CA ALA A 218 -4.81 5.30 10.91
C ALA A 218 -5.21 3.84 11.02
N MET A 219 -5.57 3.26 9.88
CA MET A 219 -5.77 1.83 9.76
C MET A 219 -4.42 1.21 9.37
N TYR A 220 -3.95 0.24 10.15
CA TYR A 220 -2.63 -0.35 9.91
C TYR A 220 -2.79 -1.69 9.21
N HIS A 221 -2.26 -1.79 7.99
CA HIS A 221 -2.36 -2.98 7.17
C HIS A 221 -1.01 -3.69 7.11
N CYS A 222 -1.02 -4.99 7.28
N CYS A 222 -1.09 -5.01 7.23
CA CYS A 222 0.20 -5.72 6.99
CA CYS A 222 0.00 -5.92 6.98
C CYS A 222 0.13 -6.26 5.57
C CYS A 222 0.06 -6.21 5.49
N THR A 223 1.28 -6.22 4.92
CA THR A 223 1.43 -6.59 3.52
C THR A 223 2.59 -7.55 3.35
N ARG A 224 2.48 -8.42 2.35
CA ARG A 224 3.56 -9.29 1.95
C ARG A 224 4.33 -8.66 0.81
N GLY A 225 5.65 -8.68 0.91
CA GLY A 225 6.51 -8.12 -0.13
C GLY A 225 7.00 -9.23 -1.05
N ALA A 226 6.80 -9.03 -2.35
CA ALA A 226 7.34 -9.91 -3.37
C ALA A 226 8.53 -9.22 -4.03
N LEU A 227 9.67 -9.89 -4.06
CA LEU A 227 10.85 -9.26 -4.64
C LEU A 227 10.73 -9.29 -6.16
N VAL A 228 10.74 -8.10 -6.76
CA VAL A 228 10.63 -7.98 -8.22
C VAL A 228 11.99 -7.92 -8.87
N ARG A 229 12.90 -7.13 -8.31
CA ARG A 229 14.24 -7.06 -8.86
C ARG A 229 15.21 -6.77 -7.72
N LEU A 230 16.33 -7.48 -7.70
CA LEU A 230 17.37 -7.23 -6.72
C LEU A 230 17.98 -5.84 -6.98
N PRO A 231 18.52 -5.19 -5.93
CA PRO A 231 18.58 -5.70 -4.55
C PRO A 231 17.29 -5.56 -3.72
N HIS A 232 16.43 -4.57 -4.01
CA HIS A 232 15.32 -4.37 -3.07
C HIS A 232 14.12 -3.69 -3.68
N TYR A 233 13.78 -4.02 -4.92
CA TYR A 233 12.54 -3.53 -5.52
C TYR A 233 11.45 -4.57 -5.28
N TYR A 234 10.46 -4.21 -4.46
CA TYR A 234 9.37 -5.09 -4.08
C TYR A 234 8.04 -4.57 -4.60
N SER A 235 7.10 -5.50 -4.75
CA SER A 235 5.68 -5.16 -4.80
C SER A 235 5.04 -5.67 -3.51
N MET A 236 3.88 -5.10 -3.17
N MET A 236 3.90 -5.09 -3.16
CA MET A 236 3.12 -5.53 -2.00
CA MET A 236 3.14 -5.56 -2.00
C MET A 236 1.99 -6.39 -2.56
C MET A 236 2.00 -6.39 -2.56
N ASP A 237 2.23 -7.70 -2.65
CA ASP A 237 1.34 -8.55 -3.43
C ASP A 237 0.14 -9.08 -2.67
N TYR A 238 0.10 -8.96 -1.35
CA TYR A 238 -1.08 -9.33 -0.57
C TYR A 238 -1.19 -8.37 0.61
N TRP A 239 -2.42 -7.96 0.90
CA TRP A 239 -2.75 -7.00 1.94
C TRP A 239 -3.81 -7.56 2.88
N GLY A 240 -3.64 -7.35 4.19
CA GLY A 240 -4.71 -7.65 5.12
C GLY A 240 -5.73 -6.52 5.13
N GLN A 241 -6.83 -6.74 5.87
CA GLN A 241 -7.91 -5.77 5.98
C GLN A 241 -7.61 -4.66 6.98
N GLY A 242 -6.63 -4.83 7.85
CA GLY A 242 -6.17 -3.76 8.71
C GLY A 242 -6.68 -3.87 10.14
N THR A 243 -5.98 -3.18 11.03
CA THR A 243 -6.43 -2.97 12.40
C THR A 243 -6.32 -1.48 12.71
N SER A 244 -7.31 -0.94 13.41
N SER A 244 -7.32 -0.93 13.39
CA SER A 244 -7.45 0.50 13.60
CA SER A 244 -7.42 0.52 13.55
C SER A 244 -6.68 0.97 14.83
C SER A 244 -6.70 0.98 14.82
N VAL A 245 -5.89 2.04 14.67
CA VAL A 245 -5.22 2.69 15.79
C VAL A 245 -5.76 4.11 15.89
N THR A 246 -6.26 4.49 17.07
CA THR A 246 -6.74 5.85 17.29
C THR A 246 -5.97 6.45 18.45
N VAL A 247 -5.36 7.61 18.22
CA VAL A 247 -4.57 8.31 19.25
C VAL A 247 -5.25 9.65 19.50
N SER A 248 -5.83 9.82 20.68
CA SER A 248 -6.66 10.98 20.94
C SER A 248 -6.38 11.56 22.32
N SER A 249 -6.31 12.89 22.38
CA SER A 249 -6.08 13.60 23.64
C SER A 249 -7.18 13.30 24.67
O1 OMF B . 16.22 0.56 -0.25
C1 OMF B . 13.26 -2.12 0.87
CL1 OMF B . 13.84 0.70 -1.87
C2 OMF B . 13.06 -1.28 -0.20
C3 OMF B . 14.06 -0.39 -0.55
C4 OMF B . 15.24 -0.37 0.14
C5 OMF B . 15.46 -1.21 1.22
C6 OMF B . 14.45 -2.09 1.58
CL2 OMF B . 8.23 -3.61 0.50
CL3 OMF B . 11.88 -6.47 3.27
CL4 OMF B . 9.00 -6.12 2.27
C1' OMF B . 12.17 -3.09 1.23
C2' OMF B . 10.87 -2.93 0.77
C3' OMF B . 9.87 -3.85 1.07
C4' OMF B . 10.21 -4.93 1.84
C5' OMF B . 11.49 -5.09 2.29
C6' OMF B . 12.48 -4.19 2.00
C7 OMF B . 17.53 0.52 0.40
NA NA C . -19.14 11.55 -9.39
#